data_2I1I
#
_entry.id   2I1I
#
_entity_poly.entity_id   1
_entity_poly.type   'polypeptide(L)'
_entity_poly.pdbx_seq_one_letter_code
;VRRFPWWWAFLRR(NH2)
;
_entity_poly.pdbx_strand_id   A
#
loop_
_chem_comp.id
_chem_comp.type
_chem_comp.name
_chem_comp.formula
NH2 non-polymer 'AMINO GROUP' 'H2 N'
#
# COMPACT_ATOMS: atom_id res chain seq x y z
N VAL A 1 0.88 3.27 5.77
CA VAL A 1 2.23 3.61 5.25
C VAL A 1 3.27 2.61 5.75
N ARG A 2 3.20 2.27 7.03
CA ARG A 2 4.15 1.33 7.62
C ARG A 2 3.93 -0.07 7.07
N ARG A 3 2.66 -0.48 6.98
CA ARG A 3 2.31 -1.80 6.46
C ARG A 3 1.81 -1.69 5.03
N PHE A 4 0.84 -0.80 4.83
CA PHE A 4 0.27 -0.58 3.50
C PHE A 4 -0.74 0.57 3.54
N PRO A 5 -0.75 1.41 2.49
CA PRO A 5 -1.66 2.55 2.41
C PRO A 5 -3.06 2.13 1.99
N TRP A 6 -3.39 2.32 0.71
CA TRP A 6 -4.70 1.98 0.18
C TRP A 6 -4.70 2.16 -1.33
N TRP A 7 -4.02 3.20 -1.78
CA TRP A 7 -3.91 3.52 -3.19
C TRP A 7 -2.92 2.59 -3.89
N TRP A 8 -2.35 1.64 -3.14
CA TRP A 8 -1.36 0.73 -3.68
C TRP A 8 -1.88 -0.10 -4.85
N ALA A 9 -1.44 -1.35 -4.92
CA ALA A 9 -1.82 -2.23 -6.00
C ALA A 9 -1.22 -1.70 -7.30
N PHE A 10 -0.01 -1.17 -7.18
CA PHE A 10 0.73 -0.61 -8.30
C PHE A 10 2.22 -0.77 -8.08
N LEU A 11 2.67 -0.40 -6.89
CA LEU A 11 4.08 -0.52 -6.51
C LEU A 11 4.22 -1.45 -5.31
N ARG A 12 3.22 -1.41 -4.43
CA ARG A 12 3.20 -2.24 -3.23
C ARG A 12 3.06 -3.72 -3.59
N ARG A 13 2.07 -4.04 -4.41
CA ARG A 13 1.82 -5.41 -4.81
C ARG A 13 2.71 -5.80 -6.00
N NH2 A 14 3.55 -4.89 -6.50
HN1 NH2 A 14 3.61 -4.03 -6.05
HN2 NH2 A 14 4.06 -5.14 -7.31
N VAL A 1 0.19 3.39 5.59
CA VAL A 1 1.51 4.07 5.60
C VAL A 1 2.53 3.27 6.42
N ARG A 2 2.08 2.72 7.54
CA ARG A 2 2.94 1.94 8.42
C ARG A 2 3.51 0.73 7.67
N ARG A 3 2.65 0.03 6.94
CA ARG A 3 3.05 -1.13 6.18
C ARG A 3 2.53 -1.04 4.75
N PHE A 4 1.38 -0.39 4.61
CA PHE A 4 0.74 -0.21 3.31
C PHE A 4 -0.33 0.87 3.38
N PRO A 5 -0.44 1.69 2.32
CA PRO A 5 -1.42 2.77 2.27
C PRO A 5 -2.83 2.25 1.98
N TRP A 6 -3.25 2.35 0.73
CA TRP A 6 -4.57 1.90 0.32
C TRP A 6 -4.71 2.00 -1.19
N TRP A 7 -4.10 3.06 -1.74
CA TRP A 7 -4.12 3.32 -3.17
C TRP A 7 -3.13 2.41 -3.91
N TRP A 8 -2.47 1.51 -3.17
CA TRP A 8 -1.47 0.64 -3.74
C TRP A 8 -2.02 -0.27 -4.83
N ALA A 9 -1.52 -1.50 -4.87
CA ALA A 9 -1.92 -2.46 -5.89
C ALA A 9 -1.42 -1.98 -7.25
N PHE A 10 -0.23 -1.39 -7.23
CA PHE A 10 0.42 -0.87 -8.42
C PHE A 10 1.94 -1.00 -8.28
N LEU A 11 2.46 -0.45 -7.19
CA LEU A 11 3.89 -0.51 -6.90
C LEU A 11 4.12 -1.41 -5.70
N ARG A 12 3.17 -1.38 -4.78
CA ARG A 12 3.24 -2.19 -3.57
C ARG A 12 3.06 -3.67 -3.89
N ARG A 13 1.94 -4.00 -4.54
CA ARG A 13 1.67 -5.39 -4.92
C ARG A 13 2.32 -5.71 -6.26
N NH2 A 14 3.19 -4.87 -6.78
HN1 NH2 A 14 3.21 -3.94 -6.44
HN2 NH2 A 14 3.77 -5.19 -7.50
N VAL A 1 1.11 -1.27 -7.55
CA VAL A 1 2.28 -0.66 -6.86
C VAL A 1 2.23 0.87 -6.91
N ARG A 2 1.86 1.40 -8.08
CA ARG A 2 1.76 2.85 -8.27
C ARG A 2 0.69 3.44 -7.35
N ARG A 3 -0.44 2.74 -7.23
CA ARG A 3 -1.53 3.20 -6.39
C ARG A 3 -1.40 2.65 -4.98
N PHE A 4 -1.12 1.36 -4.88
CA PHE A 4 -0.96 0.70 -3.59
C PHE A 4 -0.42 -0.72 -3.76
N PRO A 5 0.49 -1.12 -2.86
CA PRO A 5 1.11 -2.44 -2.88
C PRO A 5 0.17 -3.52 -2.32
N TRP A 6 0.40 -3.90 -1.07
CA TRP A 6 -0.40 -4.92 -0.40
C TRP A 6 0.00 -5.03 1.06
N TRP A 7 1.29 -4.87 1.31
CA TRP A 7 1.85 -4.92 2.65
C TRP A 7 1.58 -3.63 3.42
N TRP A 8 0.84 -2.71 2.79
CA TRP A 8 0.55 -1.42 3.41
C TRP A 8 -0.21 -1.54 4.72
N ALA A 9 -1.14 -0.61 4.94
CA ALA A 9 -1.91 -0.57 6.18
C ALA A 9 -1.01 -0.09 7.31
N PHE A 10 -0.14 0.85 6.96
CA PHE A 10 0.81 1.44 7.91
C PHE A 10 1.13 2.86 7.48
N LEU A 11 1.88 2.98 6.39
CA LEU A 11 2.24 4.28 5.84
C LEU A 11 1.17 4.73 4.85
N ARG A 12 0.57 3.75 4.18
CA ARG A 12 -0.47 4.00 3.21
C ARG A 12 -1.80 4.33 3.90
N ARG A 13 -2.28 3.38 4.71
CA ARG A 13 -3.53 3.57 5.44
C ARG A 13 -3.27 4.23 6.79
N NH2 A 14 -2.09 4.78 7.03
HN1 NH2 A 14 -1.52 5.03 6.26
HN2 NH2 A 14 -1.82 4.91 7.96
N VAL A 1 4.62 0.69 -6.74
CA VAL A 1 3.68 1.46 -5.89
C VAL A 1 2.92 2.48 -6.76
N ARG A 2 2.46 2.03 -7.92
CA ARG A 2 1.71 2.90 -8.83
C ARG A 2 0.47 3.44 -8.15
N ARG A 3 -0.17 2.61 -7.33
CA ARG A 3 -1.37 3.00 -6.61
C ARG A 3 -1.35 2.45 -5.19
N PHE A 4 -0.97 1.16 -5.06
CA PHE A 4 -0.90 0.51 -3.76
C PHE A 4 -0.32 -0.90 -3.89
N PRO A 5 0.53 -1.29 -2.93
CA PRO A 5 1.16 -2.61 -2.92
C PRO A 5 0.23 -3.69 -2.37
N TRP A 6 0.39 -4.02 -1.10
CA TRP A 6 -0.43 -5.05 -0.45
C TRP A 6 -0.12 -5.10 1.05
N TRP A 7 1.17 -4.97 1.36
CA TRP A 7 1.65 -4.99 2.74
C TRP A 7 1.35 -3.68 3.46
N TRP A 8 0.67 -2.77 2.78
CA TRP A 8 0.37 -1.45 3.34
C TRP A 8 -0.44 -1.51 4.64
N ALA A 9 -1.36 -0.57 4.78
CA ALA A 9 -2.17 -0.47 5.98
C ALA A 9 -1.29 -0.06 7.15
N PHE A 10 -0.34 0.84 6.85
CA PHE A 10 0.59 1.34 7.84
C PHE A 10 1.03 2.76 7.46
N LEU A 11 1.57 2.88 6.24
CA LEU A 11 2.00 4.17 5.73
C LEU A 11 1.02 4.65 4.66
N ARG A 12 0.49 3.69 3.91
CA ARG A 12 -0.47 3.96 2.85
C ARG A 12 -1.80 4.44 3.45
N ARG A 13 -2.32 3.68 4.40
CA ARG A 13 -3.58 4.03 5.07
C ARG A 13 -3.32 4.90 6.30
N NH2 A 14 -2.07 5.28 6.57
HN1 NH2 A 14 -1.34 4.82 6.12
HN2 NH2 A 14 -1.94 6.01 7.20
N VAL A 1 -4.11 0.97 -4.79
CA VAL A 1 -5.02 -0.21 -4.80
C VAL A 1 -4.67 -1.16 -5.94
N ARG A 2 -4.35 -0.60 -7.10
CA ARG A 2 -3.98 -1.41 -8.26
C ARG A 2 -2.75 -2.25 -7.97
N ARG A 3 -1.77 -1.64 -7.31
CA ARG A 3 -0.54 -2.32 -6.95
C ARG A 3 -0.15 -1.95 -5.52
N PHE A 4 -0.31 -0.67 -5.17
CA PHE A 4 0.00 -0.19 -3.85
C PHE A 4 -0.45 1.26 -3.67
N PRO A 5 -1.05 1.58 -2.51
CA PRO A 5 -1.54 2.91 -2.22
C PRO A 5 -0.44 3.85 -1.73
N TRP A 6 -0.41 4.10 -0.43
CA TRP A 6 0.59 4.97 0.18
C TRP A 6 0.53 4.86 1.70
N TRP A 7 -0.70 4.72 2.21
CA TRP A 7 -0.95 4.59 3.63
C TRP A 7 -0.58 3.19 4.13
N TRP A 8 -0.07 2.35 3.23
CA TRP A 8 0.27 0.97 3.58
C TRP A 8 1.30 0.87 4.69
N ALA A 9 2.19 -0.11 4.56
CA ALA A 9 3.21 -0.34 5.58
C ALA A 9 2.55 -0.86 6.85
N PHE A 10 1.50 -1.65 6.64
CA PHE A 10 0.74 -2.25 7.73
C PHE A 10 0.21 -3.60 7.28
N LEU A 11 -0.58 -3.59 6.21
CA LEU A 11 -1.13 -4.80 5.64
C LEU A 11 -0.32 -5.17 4.40
N ARG A 12 0.12 -4.14 3.69
CA ARG A 12 0.91 -4.30 2.48
C ARG A 12 2.35 -4.69 2.83
N ARG A 13 2.90 -4.05 3.86
CA ARG A 13 4.25 -4.34 4.32
C ARG A 13 4.25 -4.71 5.80
N NH2 A 14 3.10 -4.98 6.40
HN1 NH2 A 14 2.33 -4.40 6.21
HN2 NH2 A 14 3.06 -5.75 7.01
N VAL A 1 2.22 -1.74 -6.33
CA VAL A 1 3.42 -0.86 -6.19
C VAL A 1 3.18 0.50 -6.83
N ARG A 2 2.50 0.50 -7.98
CA ARG A 2 2.21 1.73 -8.70
C ARG A 2 1.36 2.68 -7.86
N ARG A 3 0.19 2.20 -7.45
CA ARG A 3 -0.73 3.00 -6.64
C ARG A 3 -0.68 2.54 -5.19
N PHE A 4 -0.59 1.23 -5.01
CA PHE A 4 -0.53 0.65 -3.67
C PHE A 4 -0.04 -0.80 -3.72
N PRO A 5 0.78 -1.20 -2.74
CA PRO A 5 1.33 -2.55 -2.67
C PRO A 5 0.30 -3.56 -2.16
N TRP A 6 0.39 -3.90 -0.88
CA TRP A 6 -0.52 -4.86 -0.27
C TRP A 6 -0.26 -4.92 1.23
N TRP A 7 1.01 -4.81 1.59
CA TRP A 7 1.44 -4.84 2.99
C TRP A 7 1.14 -3.51 3.68
N TRP A 8 0.56 -2.57 2.94
CA TRP A 8 0.27 -1.24 3.48
C TRP A 8 -0.66 -1.28 4.69
N ALA A 9 -1.50 -0.26 4.79
CA ALA A 9 -2.42 -0.14 5.92
C ALA A 9 -1.62 0.19 7.17
N PHE A 10 -0.59 1.02 6.98
CA PHE A 10 0.29 1.45 8.06
C PHE A 10 0.78 2.86 7.77
N LEU A 11 1.43 3.02 6.62
CA LEU A 11 1.94 4.31 6.18
C LEU A 11 1.06 4.83 5.06
N ARG A 12 0.67 3.91 4.17
CA ARG A 12 -0.18 4.24 3.04
C ARG A 12 -1.57 4.68 3.52
N ARG A 13 -2.18 3.83 4.34
CA ARG A 13 -3.50 4.13 4.88
C ARG A 13 -3.39 4.85 6.21
N NH2 A 14 -2.19 5.22 6.66
HN1 NH2 A 14 -1.43 4.66 6.44
HN2 NH2 A 14 -2.13 6.06 7.18
N VAL A 1 -6.66 -0.27 -4.82
CA VAL A 1 -5.94 -1.41 -4.17
C VAL A 1 -5.22 -2.26 -5.21
N ARG A 2 -4.61 -1.61 -6.19
CA ARG A 2 -3.88 -2.31 -7.25
C ARG A 2 -2.63 -2.98 -6.68
N ARG A 3 -1.49 -2.81 -7.37
CA ARG A 3 -0.24 -3.39 -6.91
C ARG A 3 0.13 -2.80 -5.57
N PHE A 4 -0.03 -1.47 -5.46
CA PHE A 4 0.25 -0.76 -4.24
C PHE A 4 -0.21 0.70 -4.34
N PRO A 5 -0.88 1.19 -3.29
CA PRO A 5 -1.39 2.55 -3.24
C PRO A 5 -0.31 3.56 -2.86
N TRP A 6 -0.29 3.98 -1.61
CA TRP A 6 0.68 4.94 -1.12
C TRP A 6 0.58 5.08 0.40
N TRP A 7 -0.65 5.04 0.88
CA TRP A 7 -0.94 5.15 2.30
C TRP A 7 -0.62 3.85 3.03
N TRP A 8 -0.08 2.87 2.31
CA TRP A 8 0.23 1.56 2.88
C TRP A 8 1.22 1.63 4.04
N ALA A 9 2.11 0.64 4.09
CA ALA A 9 3.09 0.55 5.16
C ALA A 9 2.38 0.20 6.46
N PHE A 10 1.35 -0.64 6.32
CA PHE A 10 0.54 -1.08 7.45
C PHE A 10 0.00 -2.47 7.17
N LEU A 11 -0.84 -2.55 6.14
CA LEU A 11 -1.43 -3.82 5.74
C LEU A 11 -0.64 -4.40 4.56
N ARG A 12 -0.09 -3.51 3.75
CA ARG A 12 0.70 -3.89 2.58
C ARG A 12 2.10 -4.36 3.01
N ARG A 13 2.85 -3.48 3.67
CA ARG A 13 4.20 -3.82 4.13
C ARG A 13 4.14 -4.54 5.47
N NH2 A 14 2.97 -4.72 6.07
HN1 NH2 A 14 2.18 -4.87 5.51
HN2 NH2 A 14 2.94 -4.72 7.05
N VAL A 1 3.03 -2.09 -7.59
CA VAL A 1 3.06 -0.90 -6.71
C VAL A 1 2.94 0.40 -7.51
N ARG A 2 2.06 0.38 -8.52
CA ARG A 2 1.85 1.55 -9.36
C ARG A 2 1.37 2.73 -8.51
N ARG A 3 0.54 2.43 -7.53
CA ARG A 3 0.00 3.45 -6.63
C ARG A 3 -0.07 2.92 -5.20
N PHE A 4 -0.44 1.65 -5.07
CA PHE A 4 -0.53 1.01 -3.77
C PHE A 4 -0.06 -0.44 -3.87
N PRO A 5 0.71 -0.91 -2.87
CA PRO A 5 1.24 -2.27 -2.86
C PRO A 5 0.18 -3.28 -2.42
N TRP A 6 0.27 -3.73 -1.17
CA TRP A 6 -0.66 -4.70 -0.62
C TRP A 6 -0.41 -4.87 0.88
N TRP A 7 0.86 -4.83 1.25
CA TRP A 7 1.28 -4.96 2.63
C TRP A 7 1.03 -3.68 3.42
N TRP A 8 0.45 -2.68 2.74
CA TRP A 8 0.20 -1.39 3.36
C TRP A 8 -0.72 -1.49 4.58
N ALA A 9 -1.55 -0.47 4.75
CA ALA A 9 -2.45 -0.41 5.89
C ALA A 9 -1.62 -0.24 7.16
N PHE A 10 -0.52 0.49 7.02
CA PHE A 10 0.39 0.76 8.12
C PHE A 10 0.96 2.17 7.98
N LEU A 11 1.52 2.43 6.80
CA LEU A 11 2.08 3.74 6.48
C LEU A 11 1.24 4.40 5.40
N ARG A 12 0.71 3.57 4.51
CA ARG A 12 -0.12 4.02 3.42
C ARG A 12 -1.50 4.49 3.92
N ARG A 13 -2.20 3.60 4.60
CA ARG A 13 -3.51 3.91 5.14
C ARG A 13 -3.40 4.60 6.49
N NH2 A 14 -2.22 4.66 7.08
HN1 NH2 A 14 -1.45 4.98 6.56
HN2 NH2 A 14 -2.15 4.41 8.02
N VAL A 1 -3.09 2.24 -5.80
CA VAL A 1 -4.39 1.54 -5.88
C VAL A 1 -4.33 0.36 -6.85
N ARG A 2 -3.64 0.56 -7.97
CA ARG A 2 -3.51 -0.49 -8.98
C ARG A 2 -2.88 -1.75 -8.37
N ARG A 3 -1.90 -1.53 -7.50
CA ARG A 3 -1.20 -2.62 -6.84
C ARG A 3 -0.86 -2.23 -5.40
N PHE A 4 -0.47 -0.98 -5.22
CA PHE A 4 -0.13 -0.45 -3.90
C PHE A 4 -0.68 0.97 -3.76
N PRO A 5 -1.28 1.28 -2.61
CA PRO A 5 -1.85 2.59 -2.34
C PRO A 5 -0.79 3.61 -1.93
N TRP A 6 -0.74 3.93 -0.64
CA TRP A 6 0.20 4.89 -0.11
C TRP A 6 0.17 4.85 1.41
N TRP A 7 -1.03 4.68 1.95
CA TRP A 7 -1.26 4.61 3.38
C TRP A 7 -0.78 3.28 3.94
N TRP A 8 -0.24 2.42 3.07
CA TRP A 8 0.20 1.08 3.49
C TRP A 8 1.28 1.13 4.56
N ALA A 9 2.22 0.20 4.48
CA ALA A 9 3.27 0.09 5.47
C ALA A 9 2.69 -0.36 6.79
N PHE A 10 1.69 -1.23 6.70
CA PHE A 10 1.00 -1.78 7.86
C PHE A 10 0.55 -3.21 7.56
N LEU A 11 -0.27 -3.33 6.52
CA LEU A 11 -0.77 -4.62 6.07
C LEU A 11 0.00 -5.04 4.83
N ARG A 12 0.36 -4.05 4.03
CA ARG A 12 1.10 -4.26 2.80
C ARG A 12 2.57 -4.53 3.08
N ARG A 13 3.22 -3.59 3.77
CA ARG A 13 4.62 -3.73 4.13
C ARG A 13 4.77 -4.33 5.53
N NH2 A 14 3.77 -4.22 6.40
HN1 NH2 A 14 3.36 -3.34 6.52
HN2 NH2 A 14 3.48 -5.02 6.88
N VAL A 1 -6.58 -3.60 -5.20
CA VAL A 1 -5.42 -2.72 -4.91
C VAL A 1 -4.35 -2.87 -5.99
N ARG A 2 -3.81 -1.73 -6.44
CA ARG A 2 -2.78 -1.73 -7.46
C ARG A 2 -1.48 -2.35 -6.94
N ARG A 3 -0.34 -1.80 -7.37
CA ARG A 3 0.95 -2.29 -6.92
C ARG A 3 1.19 -1.86 -5.49
N PHE A 4 0.78 -0.62 -5.20
CA PHE A 4 0.90 -0.05 -3.87
C PHE A 4 0.25 1.32 -3.81
N PRO A 5 -0.49 1.58 -2.73
CA PRO A 5 -1.17 2.86 -2.52
C PRO A 5 -0.23 3.94 -1.99
N TRP A 6 -0.28 4.18 -0.69
CA TRP A 6 0.58 5.17 -0.05
C TRP A 6 0.38 5.12 1.47
N TRP A 7 -0.87 4.89 1.85
CA TRP A 7 -1.25 4.78 3.25
C TRP A 7 -0.90 3.41 3.81
N TRP A 8 -0.27 2.57 2.97
CA TRP A 8 0.07 1.21 3.35
C TRP A 8 0.96 1.14 4.58
N ALA A 9 1.87 0.17 4.57
CA ALA A 9 2.76 -0.06 5.68
C ALA A 9 1.98 -0.63 6.86
N PHE A 10 1.04 -1.52 6.54
CA PHE A 10 0.19 -2.15 7.54
C PHE A 10 -0.27 -3.51 7.03
N LEU A 11 -0.81 -3.50 5.82
CA LEU A 11 -1.28 -4.73 5.18
C LEU A 11 -0.40 -5.04 3.97
N ARG A 12 0.10 -3.98 3.34
CA ARG A 12 0.97 -4.10 2.18
C ARG A 12 2.31 -4.71 2.56
N ARG A 13 3.04 -4.05 3.45
CA ARG A 13 4.34 -4.55 3.90
C ARG A 13 4.17 -5.48 5.10
N NH2 A 14 2.99 -6.04 5.33
HN1 NH2 A 14 2.24 -5.45 5.57
HN2 NH2 A 14 2.93 -7.01 5.26
N VAL A 1 4.52 -0.58 -7.02
CA VAL A 1 3.60 0.21 -6.15
C VAL A 1 2.80 1.22 -6.95
N ARG A 2 2.29 0.79 -8.11
CA ARG A 2 1.50 1.66 -8.97
C ARG A 2 0.25 2.14 -8.23
N ARG A 3 -0.63 1.19 -7.91
CA ARG A 3 -1.86 1.50 -7.20
C ARG A 3 -1.70 1.23 -5.70
N PHE A 4 -1.23 0.03 -5.37
CA PHE A 4 -1.03 -0.37 -3.98
C PHE A 4 -0.32 -1.72 -3.89
N PRO A 5 0.58 -1.86 -2.91
CA PRO A 5 1.33 -3.10 -2.71
C PRO A 5 0.50 -4.17 -2.00
N TRP A 6 0.70 -4.29 -0.69
CA TRP A 6 -0.01 -5.27 0.12
C TRP A 6 0.32 -5.07 1.60
N TRP A 7 1.59 -4.76 1.84
CA TRP A 7 2.10 -4.53 3.19
C TRP A 7 1.68 -3.15 3.72
N TRP A 8 0.90 -2.42 2.92
CA TRP A 8 0.48 -1.08 3.29
C TRP A 8 -0.32 -1.03 4.60
N ALA A 9 -1.32 -0.17 4.64
CA ALA A 9 -2.13 0.01 5.83
C ALA A 9 -1.29 0.68 6.91
N PHE A 10 -0.44 1.60 6.47
CA PHE A 10 0.43 2.35 7.36
C PHE A 10 0.69 3.73 6.77
N LEU A 11 1.25 3.74 5.56
CA LEU A 11 1.52 4.99 4.86
C LEU A 11 0.46 5.20 3.79
N ARG A 12 0.01 4.09 3.20
CA ARG A 12 -1.01 4.11 2.17
C ARG A 12 -2.39 4.35 2.77
N ARG A 13 -2.84 3.42 3.61
CA ARG A 13 -4.14 3.52 4.26
C ARG A 13 -4.05 4.34 5.54
N NH2 A 14 -2.91 4.97 5.83
HN1 NH2 A 14 -2.24 5.05 5.12
HN2 NH2 A 14 -2.79 5.31 6.74
N VAL A 1 1.14 3.32 7.07
CA VAL A 1 2.25 3.54 6.11
C VAL A 1 3.34 2.48 6.26
N ARG A 2 3.61 2.09 7.50
CA ARG A 2 4.63 1.09 7.78
C ARG A 2 4.32 -0.21 7.02
N ARG A 3 3.03 -0.55 6.93
CA ARG A 3 2.60 -1.73 6.22
C ARG A 3 1.90 -1.33 4.92
N PHE A 4 0.86 -2.06 4.52
CA PHE A 4 0.13 -1.71 3.30
C PHE A 4 -0.82 -0.55 3.57
N PRO A 5 -0.85 0.44 2.69
CA PRO A 5 -1.72 1.60 2.84
C PRO A 5 -3.15 1.32 2.38
N TRP A 6 -3.50 1.82 1.19
CA TRP A 6 -4.83 1.63 0.64
C TRP A 6 -4.87 2.12 -0.80
N TRP A 7 -4.13 3.19 -1.05
CA TRP A 7 -4.04 3.78 -2.38
C TRP A 7 -3.10 2.99 -3.29
N TRP A 8 -2.57 1.88 -2.77
CA TRP A 8 -1.61 1.07 -3.52
C TRP A 8 -2.18 0.52 -4.83
N ALA A 9 -1.81 -0.71 -5.15
CA ALA A 9 -2.23 -1.35 -6.39
C ALA A 9 -1.50 -0.68 -7.56
N PHE A 10 -0.24 -0.33 -7.31
CA PHE A 10 0.60 0.31 -8.31
C PHE A 10 2.06 -0.03 -8.04
N LEU A 11 2.61 0.55 -6.98
CA LEU A 11 3.98 0.29 -6.58
C LEU A 11 4.02 -0.91 -5.65
N ARG A 12 2.93 -1.07 -4.89
CA ARG A 12 2.79 -2.16 -3.94
C ARG A 12 2.51 -3.47 -4.67
N ARG A 13 1.46 -3.49 -5.49
CA ARG A 13 1.11 -4.68 -6.26
C ARG A 13 1.75 -4.66 -7.64
N NH2 A 14 2.22 -3.50 -8.11
HN1 NH2 A 14 3.07 -3.17 -7.76
HN2 NH2 A 14 1.69 -3.04 -8.79
N VAL A 1 -1.45 -5.72 6.67
CA VAL A 1 -2.34 -4.57 6.32
C VAL A 1 -2.41 -3.57 7.47
N ARG A 2 -1.26 -3.27 8.07
CA ARG A 2 -1.18 -2.33 9.17
C ARG A 2 -1.65 -0.95 8.72
N ARG A 3 -1.25 -0.55 7.51
CA ARG A 3 -1.63 0.74 6.96
C ARG A 3 -1.39 0.75 5.45
N PHE A 4 -0.30 0.12 5.03
CA PHE A 4 0.05 0.03 3.62
C PHE A 4 1.06 -1.08 3.37
N PRO A 5 0.94 -1.76 2.22
CA PRO A 5 1.83 -2.85 1.85
C PRO A 5 3.17 -2.35 1.33
N TRP A 6 3.33 -2.35 0.02
CA TRP A 6 4.56 -1.89 -0.64
C TRP A 6 4.35 -1.92 -2.14
N TRP A 7 3.64 -2.94 -2.58
CA TRP A 7 3.31 -3.13 -3.99
C TRP A 7 2.19 -2.18 -4.42
N TRP A 8 1.74 -1.33 -3.49
CA TRP A 8 0.64 -0.42 -3.75
C TRP A 8 0.93 0.52 -4.91
N ALA A 9 0.44 1.75 -4.78
CA ALA A 9 0.60 2.74 -5.83
C ALA A 9 -0.22 2.33 -7.05
N PHE A 10 -1.37 1.71 -6.77
CA PHE A 10 -2.29 1.24 -7.80
C PHE A 10 -3.72 1.38 -7.28
N LEU A 11 -3.95 0.83 -6.10
CA LEU A 11 -5.25 0.90 -5.45
C LEU A 11 -5.17 1.82 -4.24
N ARG A 12 -4.00 1.77 -3.59
CA ARG A 12 -3.73 2.58 -2.42
C ARG A 12 -3.49 4.03 -2.80
N ARG A 13 -2.58 4.25 -3.75
CA ARG A 13 -2.26 5.59 -4.23
C ARG A 13 -2.72 5.78 -5.67
N NH2 A 14 -3.67 4.99 -6.16
HN1 NH2 A 14 -3.44 4.08 -6.41
HN2 NH2 A 14 -4.59 5.36 -6.24
N VAL A 1 -6.93 0.64 -5.14
CA VAL A 1 -6.34 -0.58 -4.52
C VAL A 1 -5.56 -1.39 -5.55
N ARG A 2 -4.79 -0.68 -6.38
CA ARG A 2 -3.98 -1.32 -7.42
C ARG A 2 -2.81 -2.09 -6.81
N ARG A 3 -1.63 -1.96 -7.42
CA ARG A 3 -0.44 -2.64 -6.93
C ARG A 3 -0.05 -2.11 -5.56
N PHE A 4 0.24 -0.82 -5.49
CA PHE A 4 0.60 -0.18 -4.23
C PHE A 4 0.01 1.21 -4.16
N PRO A 5 -0.64 1.54 -3.04
CA PRO A 5 -1.26 2.84 -2.82
C PRO A 5 -0.25 3.89 -2.37
N TRP A 6 -0.31 4.27 -1.10
CA TRP A 6 0.59 5.27 -0.54
C TRP A 6 0.48 5.29 0.98
N TRP A 7 -0.74 5.12 1.46
CA TRP A 7 -1.04 5.10 2.88
C TRP A 7 -0.63 3.77 3.51
N TRP A 8 -0.07 2.88 2.70
CA TRP A 8 0.31 1.55 3.18
C TRP A 8 1.32 1.56 4.31
N ALA A 9 2.23 0.58 4.29
CA ALA A 9 3.21 0.43 5.33
C ALA A 9 2.53 -0.09 6.59
N PHE A 10 1.58 -1.01 6.38
CA PHE A 10 0.81 -1.60 7.46
C PHE A 10 0.28 -2.98 7.04
N LEU A 11 -0.54 -2.99 5.99
CA LEU A 11 -1.11 -4.21 5.46
C LEU A 11 -0.46 -4.58 4.14
N ARG A 12 0.09 -3.57 3.47
CA ARG A 12 0.73 -3.74 2.18
C ARG A 12 1.79 -4.83 2.24
N ARG A 13 2.87 -4.57 2.97
CA ARG A 13 3.95 -5.53 3.11
C ARG A 13 3.65 -6.54 4.21
N NH2 A 14 2.53 -6.43 4.91
HN1 NH2 A 14 1.86 -5.76 4.61
HN2 NH2 A 14 2.39 -7.02 5.68
N VAL A 1 1.44 3.07 7.61
CA VAL A 1 2.48 3.80 6.85
C VAL A 1 3.84 3.12 6.99
N ARG A 2 3.85 1.79 6.78
CA ARG A 2 5.08 1.01 6.89
C ARG A 2 4.94 -0.33 6.19
N ARG A 3 3.82 -1.02 6.40
CA ARG A 3 3.58 -2.30 5.77
C ARG A 3 2.87 -2.12 4.43
N PHE A 4 1.81 -1.31 4.46
CA PHE A 4 1.03 -1.02 3.27
C PHE A 4 -0.03 0.04 3.55
N PRO A 5 -0.27 0.95 2.60
CA PRO A 5 -1.25 2.01 2.74
C PRO A 5 -2.68 1.52 2.48
N TRP A 6 -3.18 1.78 1.28
CA TRP A 6 -4.53 1.37 0.88
C TRP A 6 -4.73 1.69 -0.59
N TRP A 7 -4.20 2.83 -0.99
CA TRP A 7 -4.27 3.29 -2.37
C TRP A 7 -3.28 2.55 -3.25
N TRP A 8 -2.57 1.59 -2.66
CA TRP A 8 -1.54 0.84 -3.36
C TRP A 8 -2.07 0.09 -4.58
N ALA A 9 -1.47 -1.07 -4.84
CA ALA A 9 -1.81 -1.91 -5.98
C ALA A 9 -1.14 -1.39 -7.25
N PHE A 10 -0.67 -0.14 -7.19
CA PHE A 10 0.00 0.48 -8.32
C PHE A 10 1.49 0.20 -8.26
N LEU A 11 2.09 0.48 -7.11
CA LEU A 11 3.51 0.26 -6.91
C LEU A 11 3.74 -0.89 -5.94
N ARG A 12 2.86 -1.00 -4.96
CA ARG A 12 2.94 -2.06 -3.95
C ARG A 12 2.71 -3.44 -4.58
N ARG A 13 1.59 -3.60 -5.27
CA ARG A 13 1.28 -4.87 -5.93
C ARG A 13 1.85 -4.92 -7.34
N NH2 A 14 2.60 -3.91 -7.77
HN1 NH2 A 14 2.61 -3.07 -7.25
HN2 NH2 A 14 3.14 -4.04 -8.58
N VAL A 1 -2.46 4.14 -6.69
CA VAL A 1 -3.75 3.57 -6.22
C VAL A 1 -4.15 2.36 -7.08
N ARG A 2 -3.20 1.46 -7.27
CA ARG A 2 -3.43 0.25 -8.06
C ARG A 2 -2.51 -0.86 -7.58
N ARG A 3 -1.21 -0.63 -7.70
CA ARG A 3 -0.21 -1.61 -7.25
C ARG A 3 0.09 -1.39 -5.77
N PHE A 4 0.31 -0.13 -5.40
CA PHE A 4 0.59 0.25 -4.02
C PHE A 4 0.10 1.67 -3.78
N PRO A 5 -0.61 1.89 -2.66
CA PRO A 5 -1.14 3.21 -2.32
C PRO A 5 -0.09 4.11 -1.67
N TRP A 6 -0.14 4.23 -0.35
CA TRP A 6 0.79 5.07 0.39
C TRP A 6 0.60 4.86 1.88
N TRP A 7 -0.66 4.71 2.27
CA TRP A 7 -1.03 4.50 3.67
C TRP A 7 -0.73 3.07 4.11
N TRP A 8 -0.12 2.28 3.21
CA TRP A 8 0.18 0.88 3.51
C TRP A 8 1.13 0.73 4.69
N ALA A 9 2.01 -0.25 4.59
CA ALA A 9 2.95 -0.53 5.67
C ALA A 9 2.16 -1.01 6.89
N PHE A 10 1.06 -1.71 6.60
CA PHE A 10 0.17 -2.25 7.63
C PHE A 10 -0.35 -3.60 7.18
N LEU A 11 -0.94 -3.62 5.99
CA LEU A 11 -1.47 -4.84 5.39
C LEU A 11 -0.63 -5.20 4.17
N ARG A 12 -0.13 -4.18 3.51
CA ARG A 12 0.70 -4.34 2.33
C ARG A 12 2.10 -4.84 2.71
N ARG A 13 2.76 -4.11 3.59
CA ARG A 13 4.10 -4.50 4.06
C ARG A 13 4.03 -5.12 5.44
N NH2 A 14 2.98 -5.87 5.77
HN1 NH2 A 14 2.11 -5.43 5.87
HN2 NH2 A 14 3.12 -6.83 5.90
N VAL A 1 -7.30 -0.45 -4.40
CA VAL A 1 -5.82 -0.36 -4.30
C VAL A 1 -5.15 -1.07 -5.46
N ARG A 2 -4.32 -0.33 -6.20
CA ARG A 2 -3.59 -0.90 -7.33
C ARG A 2 -2.47 -1.81 -6.84
N ARG A 3 -1.30 -1.71 -7.46
CA ARG A 3 -0.16 -2.52 -7.06
C ARG A 3 0.26 -2.10 -5.66
N PHE A 4 0.12 -0.80 -5.40
CA PHE A 4 0.44 -0.23 -4.11
C PHE A 4 0.00 1.23 -4.04
N PRO A 5 -0.65 1.60 -2.93
CA PRO A 5 -1.16 2.95 -2.71
C PRO A 5 -0.09 3.91 -2.18
N TRP A 6 -0.27 4.35 -0.93
CA TRP A 6 0.66 5.27 -0.31
C TRP A 6 0.51 5.24 1.22
N TRP A 7 -0.72 5.11 1.67
CA TRP A 7 -1.04 5.05 3.08
C TRP A 7 -0.75 3.67 3.66
N TRP A 8 -0.18 2.79 2.85
CA TRP A 8 0.10 1.42 3.26
C TRP A 8 1.05 1.31 4.46
N ALA A 9 1.91 0.31 4.42
CA ALA A 9 2.84 0.04 5.50
C ALA A 9 2.08 -0.62 6.65
N PHE A 10 1.17 -1.52 6.29
CA PHE A 10 0.34 -2.23 7.25
C PHE A 10 -0.20 -3.52 6.64
N LEU A 11 -1.04 -3.37 5.62
CA LEU A 11 -1.65 -4.51 4.94
C LEU A 11 -0.89 -4.84 3.65
N ARG A 12 -0.33 -3.80 3.05
CA ARG A 12 0.40 -3.93 1.81
C ARG A 12 1.58 -4.90 1.92
N ARG A 13 2.49 -4.65 2.85
CA ARG A 13 3.62 -5.55 3.04
C ARG A 13 3.28 -6.69 3.99
N NH2 A 14 2.24 -6.55 4.82
HN1 NH2 A 14 1.78 -5.69 4.84
HN2 NH2 A 14 2.00 -7.31 5.38
N VAL A 1 0.73 -6.48 6.00
CA VAL A 1 -0.09 -5.35 5.49
C VAL A 1 -0.93 -4.74 6.61
N ARG A 2 -0.95 -3.40 6.64
CA ARG A 2 -1.72 -2.68 7.66
C ARG A 2 -1.82 -1.22 7.26
N ARG A 3 -0.77 -0.45 7.56
CA ARG A 3 -0.75 0.97 7.21
C ARG A 3 -0.56 1.11 5.70
N PHE A 4 0.60 0.66 5.22
CA PHE A 4 0.92 0.70 3.80
C PHE A 4 1.95 -0.39 3.49
N PRO A 5 1.70 -1.18 2.43
CA PRO A 5 2.60 -2.26 2.03
C PRO A 5 3.80 -1.75 1.23
N TRP A 6 3.77 -1.97 -0.08
CA TRP A 6 4.86 -1.55 -0.96
C TRP A 6 4.42 -1.70 -2.41
N TRP A 7 3.68 -2.77 -2.68
CA TRP A 7 3.18 -3.06 -4.01
C TRP A 7 2.01 -2.15 -4.38
N TRP A 8 1.67 -1.22 -3.48
CA TRP A 8 0.54 -0.34 -3.69
C TRP A 8 0.69 0.52 -4.94
N ALA A 9 0.23 1.76 -4.84
CA ALA A 9 0.28 2.67 -5.97
C ALA A 9 -0.66 2.15 -7.07
N PHE A 10 -1.75 1.54 -6.63
CA PHE A 10 -2.75 0.99 -7.51
C PHE A 10 -4.14 1.17 -6.89
N LEU A 11 -4.28 0.66 -5.67
CA LEU A 11 -5.53 0.79 -4.93
C LEU A 11 -5.33 1.76 -3.78
N ARG A 12 -4.11 1.75 -3.25
CA ARG A 12 -3.73 2.62 -2.15
C ARG A 12 -3.59 4.07 -2.61
N ARG A 13 -2.73 4.29 -3.60
CA ARG A 13 -2.54 5.63 -4.15
C ARG A 13 -3.29 5.80 -5.46
N NH2 A 14 -4.27 4.96 -5.76
HN1 NH2 A 14 -4.04 4.01 -5.86
HN2 NH2 A 14 -5.17 5.31 -5.86
N VAL A 1 5.21 5.45 5.79
CA VAL A 1 4.75 4.18 5.18
C VAL A 1 4.82 3.03 6.18
N ARG A 2 3.73 2.27 6.25
CA ARG A 2 3.65 1.12 7.15
C ARG A 2 2.35 0.36 6.91
N ARG A 3 1.24 1.01 7.19
CA ARG A 3 -0.07 0.39 6.98
C ARG A 3 -0.54 0.67 5.56
N PHE A 4 -1.09 -0.34 4.92
CA PHE A 4 -1.56 -0.22 3.54
C PHE A 4 -2.28 1.11 3.30
N PRO A 5 -1.93 1.78 2.20
CA PRO A 5 -2.52 3.07 1.83
C PRO A 5 -3.84 2.88 1.08
N TRP A 6 -3.77 2.95 -0.26
CA TRP A 6 -4.94 2.79 -1.10
C TRP A 6 -4.51 2.81 -2.56
N TRP A 7 -3.54 3.66 -2.85
CA TRP A 7 -2.98 3.81 -4.19
C TRP A 7 -2.02 2.65 -4.50
N TRP A 8 -1.88 1.73 -3.56
CA TRP A 8 -0.96 0.61 -3.70
C TRP A 8 -1.24 -0.25 -4.93
N ALA A 9 -1.00 -1.54 -4.78
CA ALA A 9 -1.18 -2.51 -5.86
C ALA A 9 0.04 -2.50 -6.78
N PHE A 10 0.80 -1.42 -6.74
CA PHE A 10 1.99 -1.28 -7.56
C PHE A 10 3.18 -1.92 -6.87
N LEU A 11 3.40 -1.53 -5.61
CA LEU A 11 4.49 -2.05 -4.81
C LEU A 11 3.97 -2.94 -3.69
N ARG A 12 2.95 -2.47 -3.00
CA ARG A 12 2.35 -3.23 -1.91
C ARG A 12 1.84 -4.58 -2.38
N ARG A 13 1.07 -4.58 -3.46
CA ARG A 13 0.53 -5.81 -4.02
C ARG A 13 1.35 -6.27 -5.23
N NH2 A 14 2.38 -5.53 -5.62
HN1 NH2 A 14 2.43 -4.59 -5.33
HN2 NH2 A 14 3.06 -5.95 -6.20
N VAL A 1 1.94 -0.74 -6.40
CA VAL A 1 3.07 0.22 -6.37
C VAL A 1 2.66 1.59 -6.92
N ARG A 2 1.88 1.57 -7.99
CA ARG A 2 1.40 2.80 -8.62
C ARG A 2 0.41 3.53 -7.74
N ARG A 3 -0.53 2.79 -7.14
CA ARG A 3 -1.54 3.37 -6.27
C ARG A 3 -1.44 2.79 -4.87
N PHE A 4 -1.23 1.48 -4.79
CA PHE A 4 -1.13 0.79 -3.51
C PHE A 4 -0.54 -0.60 -3.68
N PRO A 5 0.33 -1.01 -2.74
CA PRO A 5 0.99 -2.31 -2.79
C PRO A 5 0.09 -3.44 -2.25
N TRP A 6 0.43 -3.95 -1.09
CA TRP A 6 -0.32 -5.04 -0.46
C TRP A 6 0.06 -5.14 1.02
N TRP A 7 1.34 -4.93 1.28
CA TRP A 7 1.88 -4.97 2.64
C TRP A 7 1.52 -3.72 3.43
N TRP A 8 0.75 -2.81 2.80
CA TRP A 8 0.38 -1.55 3.42
C TRP A 8 -0.38 -1.72 4.73
N ALA A 9 -1.35 -0.84 4.96
CA ALA A 9 -2.11 -0.85 6.18
C ALA A 9 -1.23 -0.43 7.36
N PHE A 10 -0.40 0.58 7.11
CA PHE A 10 0.52 1.10 8.11
C PHE A 10 0.86 2.55 7.80
N LEU A 11 1.47 2.76 6.63
CA LEU A 11 1.84 4.10 6.18
C LEU A 11 0.90 4.54 5.06
N ARG A 12 0.30 3.55 4.42
CA ARG A 12 -0.61 3.77 3.31
C ARG A 12 -1.78 4.66 3.72
N ARG A 13 -2.72 4.10 4.48
CA ARG A 13 -3.87 4.83 4.94
C ARG A 13 -3.52 5.70 6.16
N NH2 A 14 -2.25 6.05 6.36
HN1 NH2 A 14 -1.55 5.53 5.91
HN2 NH2 A 14 -2.07 6.79 6.96
#